data_5B3U
#
_entry.id   5B3U
#
_cell.length_a   59.091
_cell.length_b   85.562
_cell.length_c   135.026
_cell.angle_alpha   90.00
_cell.angle_beta   90.00
_cell.angle_gamma   90.00
#
_symmetry.space_group_name_H-M   'P 21 21 21'
#
loop_
_entity.id
_entity.type
_entity.pdbx_description
1 polymer 'Biliverdin reductase'
2 non-polymer 'PHOSPHATE ION'
3 non-polymer 'NADP NICOTINAMIDE-ADENINE-DINUCLEOTIDE PHOSPHATE'
4 water water
#
_entity_poly.entity_id   1
_entity_poly.type   'polypeptide(L)'
_entity_poly.pdbx_seq_one_letter_code
;GSHMSENFAVATPVRVGIVGTGYAAQRRAEVFRGDRRSQLVSFWGNSEANTAKFADTFGVRPQQSWQALINDPEIDLVLI
ATINQLHGAIAEAALQAGKHVVLEYPLALTYAMGKKLQQLAREKGKLLHVEHIELLGGVHQAIRQNLGKIGEVFYARYST
IMGQNPAPQRWTYHHQQFGFPLVAALSRISRFTDLFGTVQQVDAQCRFWDQPNPEYFRACLATAYLQFNNGLKAEVIYGK
GEVFHQNERIFTLHGDRGTLIFVGETGRLIQGQTETEITVGSRRGLFRQDTEAVLDYLTTGKPLYVDLEASLYALEVADL
CAQACGYKVEN
;
_entity_poly.pdbx_strand_id   A,B
#
# COMPACT_ATOMS: atom_id res chain seq x y z
N THR A 12 -6.12 -14.39 27.27
CA THR A 12 -5.82 -14.73 25.88
C THR A 12 -7.02 -15.44 25.23
N PRO A 13 -7.60 -14.88 24.14
CA PRO A 13 -7.22 -13.82 23.19
C PRO A 13 -6.83 -12.44 23.77
N VAL A 14 -6.13 -11.73 22.88
CA VAL A 14 -5.51 -10.49 23.32
C VAL A 14 -6.41 -9.35 22.87
N ARG A 15 -6.99 -8.62 23.82
CA ARG A 15 -7.85 -7.49 23.51
C ARG A 15 -7.02 -6.20 23.57
N VAL A 16 -7.22 -5.33 22.58
CA VAL A 16 -6.30 -4.22 22.30
C VAL A 16 -7.08 -2.95 22.03
N GLY A 17 -6.68 -1.87 22.67
CA GLY A 17 -7.17 -0.52 22.35
C GLY A 17 -6.10 0.23 21.59
N ILE A 18 -6.53 0.98 20.58
CA ILE A 18 -5.61 1.66 19.65
C ILE A 18 -5.75 3.16 19.85
N VAL A 19 -4.68 3.79 20.34
CA VAL A 19 -4.63 5.24 20.46
C VAL A 19 -4.04 5.76 19.16
N GLY A 20 -4.90 6.25 18.27
CA GLY A 20 -4.46 6.75 16.99
C GLY A 20 -5.34 6.31 15.84
N THR A 21 -5.32 7.09 14.75
CA THR A 21 -6.15 6.77 13.59
C THR A 21 -5.41 6.89 12.27
N GLY A 22 -4.08 7.04 12.30
CA GLY A 22 -3.29 7.20 11.09
C GLY A 22 -2.85 5.87 10.51
N TYR A 23 -1.90 5.96 9.57
CA TYR A 23 -1.44 4.79 8.82
C TYR A 23 -1.07 3.64 9.74
N ALA A 24 -0.20 3.91 10.73
CA ALA A 24 0.24 2.85 11.62
C ALA A 24 -0.92 2.23 12.38
N ALA A 25 -1.91 3.04 12.76
CA ALA A 25 -3.05 2.52 13.49
C ALA A 25 -3.85 1.55 12.63
N GLN A 26 -4.03 1.86 11.34
CA GLN A 26 -4.93 1.06 10.51
C GLN A 26 -4.32 -0.29 10.15
N ARG A 27 -3.01 -0.34 9.85
CA ARG A 27 -2.35 -1.61 9.57
C ARG A 27 -2.31 -2.50 10.81
N ARG A 28 -2.10 -1.91 11.98
CA ARG A 28 -2.15 -2.68 13.22
C ARG A 28 -3.56 -3.21 13.47
N ALA A 29 -4.57 -2.39 13.20
CA ALA A 29 -5.95 -2.81 13.43
C ALA A 29 -6.36 -3.95 12.51
N GLU A 30 -5.96 -3.87 11.23
CA GLU A 30 -6.30 -4.93 10.29
C GLU A 30 -5.72 -6.27 10.75
N VAL A 31 -4.43 -6.30 11.05
CA VAL A 31 -3.78 -7.54 11.45
C VAL A 31 -4.19 -7.96 12.86
N PHE A 32 -4.62 -7.02 13.71
CA PHE A 32 -5.20 -7.39 14.99
C PHE A 32 -6.62 -7.92 14.85
N ARG A 33 -7.30 -7.58 13.77
CA ARG A 33 -8.63 -8.09 13.47
C ARG A 33 -8.57 -9.45 12.77
N GLY A 34 -7.79 -9.53 11.69
CA GLY A 34 -7.74 -10.72 10.87
C GLY A 34 -6.94 -11.88 11.43
N ASP A 35 -6.44 -11.74 12.67
CA ASP A 35 -5.80 -12.84 13.38
C ASP A 35 -6.68 -13.25 14.54
N ARG A 36 -6.85 -14.56 14.72
CA ARG A 36 -7.70 -15.10 15.77
C ARG A 36 -7.06 -14.99 17.16
N ARG A 37 -5.75 -14.78 17.22
CA ARG A 37 -5.11 -14.67 18.50
C ARG A 37 -5.27 -13.30 19.11
N SER A 38 -6.20 -12.47 18.58
CA SER A 38 -6.32 -11.11 19.06
C SER A 38 -7.70 -10.56 18.72
N GLN A 39 -8.15 -9.60 19.53
CA GLN A 39 -9.45 -8.97 19.39
C GLN A 39 -9.28 -7.46 19.51
N LEU A 40 -10.02 -6.72 18.68
CA LEU A 40 -9.95 -5.26 18.67
C LEU A 40 -11.22 -4.69 19.30
N VAL A 41 -11.05 -3.92 20.37
CA VAL A 41 -12.19 -3.42 21.13
C VAL A 41 -12.46 -1.95 20.83
N SER A 42 -11.57 -1.05 21.29
CA SER A 42 -11.83 0.38 21.24
C SER A 42 -10.66 1.11 20.62
N PHE A 43 -10.88 2.39 20.30
CA PHE A 43 -9.87 3.26 19.73
C PHE A 43 -10.18 4.70 20.11
N TRP A 44 -9.14 5.53 20.10
CA TRP A 44 -9.28 6.96 20.32
C TRP A 44 -8.61 7.73 19.18
N GLY A 45 -9.30 8.76 18.71
CA GLY A 45 -8.74 9.64 17.70
C GLY A 45 -8.92 11.09 18.11
N ASN A 46 -7.97 11.93 17.68
CA ASN A 46 -7.89 13.30 18.18
C ASN A 46 -8.71 14.29 17.38
N SER A 47 -8.96 14.03 16.09
CA SER A 47 -9.78 14.89 15.25
C SER A 47 -11.07 14.17 14.87
N GLU A 48 -12.20 14.86 15.00
CA GLU A 48 -13.50 14.24 14.75
C GLU A 48 -13.65 13.81 13.31
N ALA A 49 -12.99 14.53 12.40
CA ALA A 49 -13.06 14.23 10.98
C ALA A 49 -12.63 12.79 10.70
N ASN A 50 -11.42 12.43 11.15
CA ASN A 50 -10.87 11.11 10.86
C ASN A 50 -11.32 10.05 11.86
N THR A 51 -11.60 10.44 13.11
CA THR A 51 -12.13 9.49 14.08
C THR A 51 -13.44 8.90 13.60
N ALA A 52 -14.27 9.70 12.92
CA ALA A 52 -15.51 9.18 12.35
C ALA A 52 -15.22 8.12 11.29
N LYS A 53 -14.20 8.35 10.46
CA LYS A 53 -13.90 7.41 9.38
C LYS A 53 -13.34 6.10 9.93
N PHE A 54 -12.35 6.19 10.84
CA PHE A 54 -11.78 4.98 11.42
C PHE A 54 -12.85 4.15 12.13
N ALA A 55 -13.82 4.82 12.75
CA ALA A 55 -14.92 4.11 13.38
C ALA A 55 -15.74 3.33 12.36
N ASP A 56 -15.99 3.93 11.20
CA ASP A 56 -16.77 3.25 10.17
C ASP A 56 -15.98 2.13 9.51
N THR A 57 -14.72 2.36 9.27
CA THR A 57 -13.91 1.38 8.62
C THR A 57 -13.75 0.08 9.37
N PHE A 58 -13.53 0.13 10.67
CA PHE A 58 -13.32 -1.10 11.41
C PHE A 58 -14.50 -1.49 12.23
N GLY A 59 -15.44 -0.59 12.33
CA GLY A 59 -16.62 -0.88 13.09
C GLY A 59 -16.33 -1.27 14.51
N VAL A 60 -15.82 -0.29 15.24
CA VAL A 60 -15.57 -0.37 16.68
C VAL A 60 -15.99 0.95 17.30
N ARG A 61 -16.35 0.89 18.57
CA ARG A 61 -16.81 2.17 19.11
C ARG A 61 -15.63 2.96 19.67
N PRO A 62 -15.64 4.29 19.51
CA PRO A 62 -14.53 5.09 20.04
C PRO A 62 -14.56 5.17 21.56
N GLN A 63 -13.69 6.03 22.10
CA GLN A 63 -13.73 6.42 23.50
C GLN A 63 -13.50 7.91 23.55
N GLN A 64 -14.26 8.61 24.40
CA GLN A 64 -14.21 10.07 24.42
C GLN A 64 -12.84 10.61 24.77
N SER A 65 -11.98 9.80 25.37
CA SER A 65 -10.62 10.22 25.68
C SER A 65 -9.71 8.99 25.73
N TRP A 66 -8.41 9.22 25.55
CA TRP A 66 -7.48 8.10 25.62
C TRP A 66 -7.17 7.69 27.05
N GLN A 67 -7.25 8.64 28.01
CA GLN A 67 -7.14 8.26 29.41
C GLN A 67 -8.24 7.30 29.82
N ALA A 68 -9.41 7.41 29.19
CA ALA A 68 -10.48 6.44 29.44
C ALA A 68 -10.19 5.11 28.79
N LEU A 69 -9.45 5.11 27.68
CA LEU A 69 -9.23 3.88 26.93
C LEU A 69 -8.19 2.98 27.60
N ILE A 70 -7.12 3.56 28.14
CA ILE A 70 -6.07 2.75 28.75
C ILE A 70 -6.43 2.26 30.14
N ASN A 71 -7.55 2.72 30.71
CA ASN A 71 -8.02 2.25 32.01
C ASN A 71 -9.20 1.31 31.89
N ASP A 72 -9.38 0.68 30.73
CA ASP A 72 -10.47 -0.25 30.51
C ASP A 72 -9.99 -1.66 30.80
N PRO A 73 -10.50 -2.32 31.85
CA PRO A 73 -10.03 -3.68 32.18
C PRO A 73 -10.46 -4.76 31.22
N GLU A 74 -11.09 -4.40 30.10
CA GLU A 74 -11.34 -5.32 29.00
C GLU A 74 -10.39 -5.03 27.85
N ILE A 75 -9.16 -4.66 28.21
CA ILE A 75 -8.09 -4.30 27.27
C ILE A 75 -6.77 -4.82 27.85
N ASP A 76 -6.01 -5.53 27.04
CA ASP A 76 -4.74 -6.10 27.50
C ASP A 76 -3.51 -5.38 26.96
N LEU A 77 -3.58 -4.81 25.76
CA LEU A 77 -2.44 -4.20 25.12
C LEU A 77 -2.87 -2.92 24.41
N VAL A 78 -2.13 -1.85 24.61
CA VAL A 78 -2.47 -0.53 24.09
C VAL A 78 -1.52 -0.18 22.95
N LEU A 79 -2.07 0.19 21.80
CA LEU A 79 -1.32 0.64 20.64
C LEU A 79 -1.27 2.15 20.61
N ILE A 80 -0.07 2.67 20.44
CA ILE A 80 0.11 4.12 20.47
C ILE A 80 0.74 4.56 19.15
N ALA A 81 -0.02 5.35 18.37
CA ALA A 81 0.53 6.04 17.20
C ALA A 81 -0.31 7.31 16.95
N THR A 82 0.09 8.41 17.66
CA THR A 82 -0.93 9.50 17.74
C THR A 82 -0.04 10.77 17.71
N ILE A 83 -0.36 11.83 18.33
CA ILE A 83 0.33 13.09 18.39
C ILE A 83 1.68 12.84 18.99
N ASN A 84 2.77 13.38 18.40
CA ASN A 84 4.17 13.09 18.75
C ASN A 84 4.42 13.24 20.24
N GLN A 85 4.02 14.38 20.80
CA GLN A 85 4.39 14.73 22.17
C GLN A 85 3.63 13.93 23.22
N LEU A 86 2.43 13.43 22.89
CA LEU A 86 1.66 12.62 23.82
C LEU A 86 2.19 11.21 24.00
N HIS A 87 3.14 10.77 23.17
CA HIS A 87 3.50 9.36 23.10
C HIS A 87 4.08 8.86 24.43
N GLY A 88 5.01 9.61 25.01
CA GLY A 88 5.63 9.16 26.25
C GLY A 88 4.66 9.11 27.40
N ALA A 89 3.83 10.16 27.54
CA ALA A 89 2.88 10.22 28.66
C ALA A 89 1.85 9.10 28.58
N ILE A 90 1.35 8.81 27.37
CA ILE A 90 0.42 7.71 27.21
C ILE A 90 1.09 6.38 27.52
N ALA A 91 2.37 6.26 27.13
CA ALA A 91 3.12 5.04 27.43
C ALA A 91 3.26 4.82 28.93
N GLU A 92 3.67 5.87 29.65
CA GLU A 92 3.84 5.75 31.10
C GLU A 92 2.52 5.40 31.79
N ALA A 93 1.40 5.86 31.24
CA ALA A 93 0.10 5.63 31.89
C ALA A 93 -0.50 4.28 31.52
N ALA A 94 -0.34 3.84 30.27
CA ALA A 94 -0.79 2.49 29.91
C ALA A 94 -0.02 1.43 30.68
N LEU A 95 1.24 1.71 31.02
CA LEU A 95 2.02 0.78 31.84
C LEU A 95 1.58 0.81 33.30
N GLN A 96 1.39 2.01 33.86
CA GLN A 96 0.91 2.14 35.23
C GLN A 96 -0.45 1.49 35.45
N ALA A 97 -1.17 1.16 34.38
CA ALA A 97 -2.43 0.45 34.45
C ALA A 97 -2.29 -1.04 34.15
N GLY A 98 -1.08 -1.55 34.13
CA GLY A 98 -0.84 -2.97 33.87
C GLY A 98 -1.25 -3.41 32.48
N LYS A 99 -1.00 -2.57 31.47
CA LYS A 99 -1.33 -2.90 30.08
C LYS A 99 -0.06 -3.03 29.27
N HIS A 100 -0.12 -3.87 28.23
CA HIS A 100 0.98 -3.97 27.29
C HIS A 100 0.96 -2.76 26.35
N VAL A 101 2.15 -2.38 25.88
CA VAL A 101 2.32 -1.15 25.12
C VAL A 101 3.15 -1.45 23.87
N VAL A 102 2.57 -1.20 22.70
CA VAL A 102 3.29 -1.19 21.43
C VAL A 102 3.20 0.23 20.86
N LEU A 103 4.36 0.83 20.61
CA LEU A 103 4.44 2.18 20.10
C LEU A 103 4.98 2.19 18.67
N GLU A 104 4.38 3.02 17.83
CA GLU A 104 5.10 3.54 16.68
C GLU A 104 6.00 4.65 17.18
N TYR A 105 7.25 4.65 16.74
CA TYR A 105 8.22 5.67 17.15
C TYR A 105 7.62 7.06 16.91
N PRO A 106 7.88 8.03 17.81
CA PRO A 106 8.81 8.11 18.94
C PRO A 106 8.44 7.31 20.19
N LEU A 107 9.48 7.03 21.00
CA LEU A 107 9.28 6.45 22.32
C LEU A 107 8.87 7.52 23.34
N ALA A 108 9.61 8.61 23.39
CA ALA A 108 9.34 9.71 24.32
C ALA A 108 10.10 10.94 23.86
N LEU A 109 10.11 11.97 24.70
CA LEU A 109 10.77 13.24 24.37
C LEU A 109 12.23 13.28 24.76
N THR A 110 12.60 12.63 25.85
CA THR A 110 13.98 12.58 26.32
C THR A 110 14.48 11.14 26.29
N TYR A 111 15.80 11.00 26.41
CA TYR A 111 16.39 9.69 26.66
C TYR A 111 16.13 9.25 28.10
N ALA A 112 16.13 10.20 29.03
CA ALA A 112 15.86 9.88 30.43
C ALA A 112 14.45 9.32 30.60
N MET A 113 13.46 9.95 29.98
CA MET A 113 12.11 9.43 30.02
C MET A 113 12.00 8.13 29.24
N GLY A 114 12.76 7.99 28.16
CA GLY A 114 12.78 6.73 27.44
C GLY A 114 13.35 5.59 28.29
N LYS A 115 14.33 5.91 29.08
CA LYS A 115 14.90 4.95 29.97
C LYS A 115 13.89 4.74 31.07
N LYS A 116 13.36 5.83 31.60
CA LYS A 116 12.34 5.74 32.64
C LYS A 116 11.12 4.96 32.15
N LEU A 117 10.87 4.93 30.84
CA LEU A 117 9.81 4.06 30.35
C LEU A 117 10.23 2.60 30.40
N GLN A 118 11.53 2.34 30.23
CA GLN A 118 12.06 0.99 30.19
C GLN A 118 12.01 0.21 31.50
N GLN A 119 12.39 0.88 32.58
CA GLN A 119 12.40 0.26 33.90
C GLN A 119 10.99 -0.09 34.39
N LEU A 120 10.06 0.83 34.22
CA LEU A 120 8.68 0.62 34.66
C LEU A 120 8.02 -0.52 33.89
N ALA A 121 8.38 -0.69 32.62
CA ALA A 121 7.75 -1.70 31.80
C ALA A 121 7.97 -3.11 32.33
N ARG A 122 9.17 -3.40 32.84
CA ARG A 122 9.47 -4.74 33.33
C ARG A 122 9.19 -4.86 34.83
N GLU A 123 9.39 -3.78 35.57
CA GLU A 123 8.99 -3.76 36.97
C GLU A 123 7.54 -4.22 37.11
N LYS A 124 6.65 -3.61 36.33
CA LYS A 124 5.27 -4.03 36.26
C LYS A 124 5.06 -5.19 35.28
N GLY A 125 6.13 -5.73 34.72
CA GLY A 125 6.11 -6.98 33.97
C GLY A 125 5.24 -7.01 32.74
N LYS A 126 5.30 -5.98 31.90
CA LYS A 126 4.51 -5.92 30.68
C LYS A 126 5.41 -5.55 29.50
N LEU A 127 4.90 -5.83 28.30
CA LEU A 127 5.66 -5.64 27.08
C LEU A 127 5.75 -4.17 26.70
N LEU A 128 6.97 -3.69 26.43
CA LEU A 128 7.21 -2.35 25.93
C LEU A 128 7.94 -2.48 24.59
N HIS A 129 7.19 -2.45 23.50
CA HIS A 129 7.73 -2.66 22.17
C HIS A 129 7.61 -1.38 21.35
N VAL A 130 8.71 -0.99 20.70
CA VAL A 130 8.74 0.17 19.82
C VAL A 130 9.32 -0.26 18.49
N GLU A 131 8.66 0.14 17.40
CA GLU A 131 9.20 -0.01 16.06
C GLU A 131 9.00 1.29 15.31
N HIS A 132 9.58 1.36 14.11
CA HIS A 132 9.49 2.57 13.27
C HIS A 132 9.33 2.10 11.82
N ILE A 133 8.09 2.02 11.37
CA ILE A 133 7.77 1.41 10.09
C ILE A 133 6.98 2.37 9.20
N GLU A 134 6.20 3.25 9.82
CA GLU A 134 5.33 4.13 9.04
C GLU A 134 6.13 5.06 8.14
N LEU A 135 7.32 5.48 8.58
CA LEU A 135 8.18 6.35 7.79
C LEU A 135 9.24 5.51 7.08
N LEU A 136 9.05 5.30 5.79
CA LEU A 136 10.03 4.66 4.91
C LEU A 136 10.50 3.31 5.48
N GLY A 137 9.53 2.50 5.90
CA GLY A 137 9.87 1.18 6.41
C GLY A 137 10.35 0.25 5.32
N GLY A 138 9.66 0.23 4.18
CA GLY A 138 10.11 -0.58 3.06
C GLY A 138 11.44 -0.12 2.51
N VAL A 139 11.61 1.20 2.37
CA VAL A 139 12.89 1.75 1.94
C VAL A 139 14.00 1.35 2.90
N HIS A 140 13.69 1.28 4.19
CA HIS A 140 14.71 0.94 5.19
C HIS A 140 15.25 -0.46 4.97
N GLN A 141 14.36 -1.46 4.95
CA GLN A 141 14.81 -2.83 4.69
C GLN A 141 15.47 -2.95 3.33
N ALA A 142 15.03 -2.16 2.35
CA ALA A 142 15.65 -2.16 1.03
C ALA A 142 17.12 -1.74 1.13
N ILE A 143 17.41 -0.71 1.92
CA ILE A 143 18.81 -0.30 2.12
C ILE A 143 19.60 -1.42 2.75
N ARG A 144 19.04 -2.03 3.81
CA ARG A 144 19.74 -3.12 4.51
C ARG A 144 20.03 -4.28 3.57
N GLN A 145 19.06 -4.65 2.75
CA GLN A 145 19.22 -5.78 1.84
C GLN A 145 20.14 -5.47 0.66
N ASN A 146 20.74 -4.28 0.62
CA ASN A 146 21.64 -3.92 -0.49
C ASN A 146 22.90 -3.18 -0.04
N LEU A 147 23.10 -2.93 1.24
CA LEU A 147 24.29 -2.22 1.68
C LEU A 147 25.57 -3.02 1.48
N GLY A 148 25.46 -4.34 1.31
CA GLY A 148 26.64 -5.13 1.02
C GLY A 148 27.21 -4.88 -0.36
N LYS A 149 26.37 -4.37 -1.27
CA LYS A 149 26.77 -4.20 -2.67
C LYS A 149 27.46 -2.87 -2.95
N ILE A 150 27.61 -1.99 -1.97
CA ILE A 150 28.19 -0.68 -2.24
C ILE A 150 29.37 -0.38 -1.31
N GLY A 151 29.83 -1.39 -0.58
CA GLY A 151 31.05 -1.21 0.22
C GLY A 151 30.89 -0.22 1.36
N GLU A 152 32.01 0.38 1.75
CA GLU A 152 32.01 1.33 2.85
C GLU A 152 31.32 2.63 2.45
N VAL A 153 30.35 3.04 3.26
CA VAL A 153 29.54 4.22 2.96
C VAL A 153 30.22 5.44 3.60
N PHE A 154 30.58 6.42 2.77
CA PHE A 154 31.30 7.60 3.22
C PHE A 154 30.48 8.88 3.15
N TYR A 155 29.33 8.88 2.48
CA TYR A 155 28.54 10.09 2.32
C TYR A 155 27.10 9.71 2.05
N ALA A 156 26.17 10.31 2.81
CA ALA A 156 24.75 10.05 2.66
C ALA A 156 23.98 11.33 2.88
N ARG A 157 22.86 11.47 2.17
CA ARG A 157 21.98 12.62 2.30
C ARG A 157 20.53 12.16 2.31
N TYR A 158 19.80 12.60 3.33
CA TYR A 158 18.41 12.22 3.54
C TYR A 158 17.61 13.51 3.73
N SER A 159 16.85 13.89 2.71
CA SER A 159 16.21 15.20 2.67
C SER A 159 14.71 15.04 2.46
N THR A 160 13.93 15.65 3.35
CA THR A 160 12.47 15.65 3.27
C THR A 160 11.99 17.10 3.26
N ILE A 161 11.46 17.54 2.14
CA ILE A 161 10.92 18.90 1.99
C ILE A 161 9.51 18.78 1.42
N MET A 162 8.53 19.34 2.13
CA MET A 162 7.12 19.21 1.77
C MET A 162 6.46 20.58 1.86
N GLY A 163 6.10 21.16 0.72
CA GLY A 163 5.47 22.46 0.70
C GLY A 163 4.00 22.38 1.08
N GLN A 164 3.52 23.42 1.75
CA GLN A 164 2.14 23.44 2.24
C GLN A 164 1.68 24.88 2.36
N ASN A 165 0.80 25.31 1.45
CA ASN A 165 0.12 26.59 1.57
C ASN A 165 -1.37 26.37 1.43
N PRO A 166 -2.15 26.81 2.43
CA PRO A 166 -1.65 27.48 3.64
C PRO A 166 -1.32 26.49 4.75
N ALA A 167 -0.34 26.86 5.58
CA ALA A 167 0.02 26.02 6.71
C ALA A 167 -1.16 25.89 7.65
N PRO A 168 -1.56 24.69 8.02
CA PRO A 168 -2.67 24.52 8.95
C PRO A 168 -2.26 24.86 10.37
N GLN A 169 -3.28 25.07 11.19
CA GLN A 169 -3.12 25.12 12.63
C GLN A 169 -3.60 23.79 13.21
N ARG A 170 -2.85 22.76 12.84
CA ARG A 170 -3.01 21.39 13.30
C ARG A 170 -1.86 21.05 14.24
N TRP A 171 -1.90 19.85 14.82
CA TRP A 171 -0.82 19.47 15.73
C TRP A 171 0.49 19.24 15.01
N THR A 172 0.47 18.96 13.70
CA THR A 172 1.70 18.72 12.96
C THR A 172 2.51 19.98 12.72
N TYR A 173 1.88 21.15 12.78
CA TYR A 173 2.56 22.44 12.66
C TYR A 173 2.54 23.22 13.97
N HIS A 174 2.38 22.52 15.09
CA HIS A 174 2.31 23.12 16.42
C HIS A 174 3.59 22.79 17.16
N HIS A 175 4.25 23.82 17.71
CA HIS A 175 5.58 23.65 18.30
C HIS A 175 5.62 22.52 19.30
N GLN A 176 4.76 22.57 20.32
CA GLN A 176 4.87 21.62 21.43
C GLN A 176 4.33 20.24 21.06
N GLN A 177 3.20 20.18 20.36
CA GLN A 177 2.65 18.87 19.99
C GLN A 177 3.55 18.16 18.98
N PHE A 178 4.07 18.88 17.99
CA PHE A 178 4.89 18.25 16.97
C PHE A 178 6.28 17.92 17.49
N GLY A 179 6.86 18.81 18.29
CA GLY A 179 8.16 18.56 18.87
C GLY A 179 9.31 18.94 17.97
N PHE A 180 10.50 18.51 18.39
CA PHE A 180 11.73 18.74 17.64
C PHE A 180 11.60 18.11 16.25
N PRO A 181 11.74 18.90 15.17
CA PRO A 181 11.33 18.40 13.85
C PRO A 181 12.17 17.26 13.29
N LEU A 182 13.35 16.99 13.84
CA LEU A 182 14.25 15.99 13.29
C LEU A 182 14.14 14.63 13.97
N VAL A 183 13.19 14.46 14.89
CA VAL A 183 13.09 13.21 15.64
C VAL A 183 12.89 12.03 14.70
N ALA A 184 11.93 12.14 13.78
CA ALA A 184 11.60 11.00 12.91
C ALA A 184 12.76 10.68 11.97
N ALA A 185 13.37 11.71 11.37
CA ALA A 185 14.41 11.47 10.38
C ALA A 185 15.71 11.00 11.03
N LEU A 186 16.03 11.50 12.22
CA LEU A 186 17.21 11.01 12.92
C LEU A 186 17.06 9.55 13.32
N SER A 187 15.84 9.15 13.69
CA SER A 187 15.56 7.73 13.90
C SER A 187 15.93 6.91 12.67
N ARG A 188 15.61 7.42 11.48
CA ARG A 188 15.91 6.70 10.26
C ARG A 188 17.42 6.53 10.06
N ILE A 189 18.17 7.63 10.14
CA ILE A 189 19.60 7.57 9.86
C ILE A 189 20.40 6.89 10.97
N SER A 190 19.80 6.66 12.13
CA SER A 190 20.51 6.13 13.29
C SER A 190 20.42 4.61 13.42
N ARG A 191 19.70 3.93 12.53
CA ARG A 191 19.40 2.52 12.71
C ARG A 191 20.27 1.61 11.84
N PHE A 192 21.46 2.08 11.47
CA PHE A 192 22.48 1.26 10.80
C PHE A 192 23.74 1.21 11.64
N THR A 193 23.56 1.11 12.97
CA THR A 193 24.68 1.30 13.90
C THR A 193 25.74 0.22 13.72
N ASP A 194 25.32 -1.02 13.45
CA ASP A 194 26.27 -2.11 13.28
C ASP A 194 27.14 -1.93 12.05
N LEU A 195 26.70 -1.13 11.08
CA LEU A 195 27.46 -0.85 9.86
C LEU A 195 28.22 0.47 9.95
N PHE A 196 27.51 1.55 10.26
CA PHE A 196 28.08 2.89 10.22
C PHE A 196 28.82 3.25 11.51
N GLY A 197 28.53 2.56 12.60
CA GLY A 197 29.02 2.97 13.90
C GLY A 197 28.02 3.88 14.60
N THR A 198 28.50 4.51 15.67
CA THR A 198 27.73 5.52 16.36
C THR A 198 28.13 6.91 15.87
N VAL A 199 27.35 7.90 16.26
CA VAL A 199 27.59 9.28 15.83
C VAL A 199 28.67 9.89 16.71
N GLN A 200 29.73 10.39 16.09
CA GLN A 200 30.85 10.99 16.80
C GLN A 200 30.72 12.49 16.95
N GLN A 201 30.15 13.17 15.94
CA GLN A 201 30.08 14.62 15.93
C GLN A 201 28.76 15.05 15.30
N VAL A 202 28.19 16.13 15.84
CA VAL A 202 26.87 16.60 15.44
C VAL A 202 26.90 18.13 15.37
N ASP A 203 26.37 18.69 14.28
CA ASP A 203 26.14 20.13 14.18
C ASP A 203 24.81 20.34 13.49
N ALA A 204 23.95 21.17 14.08
CA ALA A 204 22.57 21.23 13.61
C ALA A 204 22.00 22.62 13.81
N GLN A 205 21.10 22.98 12.90
CA GLN A 205 20.40 24.26 12.92
C GLN A 205 18.91 24.00 12.84
N CYS A 206 18.11 24.99 13.23
CA CYS A 206 16.67 24.82 13.25
C CYS A 206 16.01 26.19 13.15
N ARG A 207 15.43 26.50 11.99
CA ARG A 207 14.77 27.77 11.73
C ARG A 207 13.27 27.57 11.72
N PHE A 208 12.54 28.58 12.21
CA PHE A 208 11.09 28.55 12.23
C PHE A 208 10.53 29.82 11.61
N TRP A 209 9.38 29.66 10.96
CA TRP A 209 8.54 30.76 10.50
C TRP A 209 7.20 30.62 11.19
N ASP A 210 6.84 31.61 12.01
CA ASP A 210 5.68 31.47 12.87
C ASP A 210 4.44 32.11 12.25
N GLN A 211 3.31 31.45 12.46
CA GLN A 211 2.01 32.07 12.29
C GLN A 211 1.89 33.25 13.25
N PRO A 212 0.90 34.13 13.07
CA PRO A 212 0.68 35.18 14.07
C PRO A 212 0.30 34.63 15.43
N ASN A 213 -0.25 33.42 15.47
CA ASN A 213 -0.38 32.64 16.69
C ASN A 213 0.97 31.99 16.95
N PRO A 214 1.78 32.56 17.85
CA PRO A 214 3.18 32.14 17.94
C PRO A 214 3.40 30.73 18.45
N GLU A 215 2.36 29.98 18.80
CA GLU A 215 2.51 28.58 19.17
C GLU A 215 2.29 27.62 18.01
N TYR A 216 2.04 28.16 16.82
CA TYR A 216 2.13 27.41 15.57
C TYR A 216 3.19 28.06 14.70
N PHE A 217 3.73 27.26 13.78
CA PHE A 217 4.65 27.78 12.79
C PHE A 217 4.05 27.55 11.40
N ARG A 218 4.25 28.52 10.52
CA ARG A 218 3.90 28.35 9.11
C ARG A 218 4.94 27.55 8.35
N ALA A 219 6.18 27.45 8.84
CA ALA A 219 7.20 26.66 8.18
C ALA A 219 8.35 26.42 9.14
N CYS A 220 9.16 25.41 8.82
CA CYS A 220 10.36 25.12 9.58
C CYS A 220 11.38 24.43 8.68
N LEU A 221 12.66 24.68 8.95
CA LEU A 221 13.75 23.99 8.28
C LEU A 221 14.75 23.55 9.34
N ALA A 222 14.97 22.24 9.45
CA ALA A 222 15.92 21.68 10.39
C ALA A 222 16.92 20.84 9.62
N THR A 223 18.21 21.02 9.93
CA THR A 223 19.29 20.34 9.23
C THR A 223 20.31 19.86 10.25
N ALA A 224 20.84 18.66 10.01
CA ALA A 224 21.88 18.09 10.87
C ALA A 224 23.00 17.52 10.01
N TYR A 225 24.24 17.75 10.43
CA TYR A 225 25.43 17.24 9.75
C TYR A 225 26.14 16.31 10.73
N LEU A 226 26.07 15.01 10.46
CA LEU A 226 26.52 13.98 11.39
C LEU A 226 27.79 13.33 10.87
N GLN A 227 28.77 13.18 11.76
CA GLN A 227 29.96 12.39 11.49
C GLN A 227 29.88 11.11 12.33
N PHE A 228 30.00 9.97 11.68
CA PHE A 228 29.96 8.67 12.35
C PHE A 228 31.37 8.21 12.67
N ASN A 229 31.47 7.32 13.66
CA ASN A 229 32.79 6.87 14.11
C ASN A 229 33.52 6.02 13.07
N ASN A 230 32.79 5.42 12.13
CA ASN A 230 33.42 4.62 11.07
C ASN A 230 33.60 5.41 9.78
N GLY A 231 33.41 6.73 9.80
CA GLY A 231 33.79 7.58 8.71
C GLY A 231 32.63 8.24 7.98
N LEU A 232 31.41 7.73 8.13
CA LEU A 232 30.29 8.23 7.35
C LEU A 232 30.04 9.70 7.65
N LYS A 233 29.81 10.46 6.60
CA LYS A 233 29.35 11.83 6.69
C LYS A 233 27.92 11.90 6.17
N ALA A 234 26.99 12.27 7.04
CA ALA A 234 25.57 12.22 6.72
C ALA A 234 24.92 13.59 6.92
N GLU A 235 24.05 13.95 5.99
CA GLU A 235 23.27 15.17 6.07
C GLU A 235 21.80 14.83 6.20
N VAL A 236 21.17 15.30 7.28
CA VAL A 236 19.74 15.15 7.50
C VAL A 236 19.09 16.52 7.31
N ILE A 237 18.01 16.55 6.53
CA ILE A 237 17.28 17.80 6.28
C ILE A 237 15.79 17.50 6.36
N TYR A 238 15.08 18.29 7.18
CA TYR A 238 13.64 18.23 7.29
C TYR A 238 13.08 19.64 7.13
N GLY A 239 12.14 19.80 6.21
CA GLY A 239 11.53 21.10 5.99
C GLY A 239 10.11 21.00 5.47
N LYS A 240 9.23 21.87 5.95
CA LYS A 240 7.87 21.91 5.46
C LYS A 240 7.30 23.30 5.73
N GLY A 241 6.20 23.61 5.03
CA GLY A 241 5.53 24.87 5.24
C GLY A 241 5.31 25.69 3.98
N GLU A 242 5.02 26.97 4.15
CA GLU A 242 4.63 27.85 3.06
C GLU A 242 5.82 28.47 2.32
N VAL A 243 7.05 28.24 2.78
CA VAL A 243 8.23 28.84 2.17
C VAL A 243 8.94 27.87 1.22
N PHE A 244 8.32 26.73 0.91
CA PHE A 244 8.95 25.70 0.09
C PHE A 244 8.13 25.50 -1.19
N HIS A 245 8.77 25.71 -2.33
CA HIS A 245 8.10 25.60 -3.63
C HIS A 245 8.47 24.34 -4.40
N GLN A 246 9.53 23.64 -4.00
CA GLN A 246 9.93 22.39 -4.65
C GLN A 246 10.06 21.31 -3.58
N ASN A 247 9.45 20.16 -3.83
CA ASN A 247 9.45 19.07 -2.87
C ASN A 247 10.68 18.18 -3.05
N GLU A 248 11.07 17.50 -1.97
CA GLU A 248 12.16 16.54 -2.02
C GLU A 248 11.84 15.37 -1.10
N ARG A 249 12.00 14.16 -1.61
CA ARG A 249 11.83 12.93 -0.84
C ARG A 249 12.97 11.99 -1.25
N ILE A 250 14.20 12.33 -0.84
CA ILE A 250 15.39 11.69 -1.36
C ILE A 250 16.19 11.09 -0.20
N PHE A 251 16.62 9.84 -0.37
CA PHE A 251 17.54 9.17 0.54
C PHE A 251 18.64 8.57 -0.30
N THR A 252 19.85 9.12 -0.17
CA THR A 252 20.98 8.74 -1.01
C THR A 252 22.14 8.30 -0.14
N LEU A 253 22.80 7.22 -0.53
CA LEU A 253 23.96 6.69 0.17
C LEU A 253 25.06 6.39 -0.84
N HIS A 254 26.23 6.99 -0.66
CA HIS A 254 27.37 6.77 -1.53
C HIS A 254 28.38 5.88 -0.84
N GLY A 255 28.87 4.87 -1.54
CA GLY A 255 29.86 3.97 -1.00
C GLY A 255 30.89 3.59 -2.04
N ASP A 256 32.01 3.05 -1.55
CA ASP A 256 33.18 2.67 -2.35
C ASP A 256 32.81 2.01 -3.68
N ARG A 257 31.84 1.10 -3.64
CA ARG A 257 31.50 0.28 -4.80
C ARG A 257 30.09 0.54 -5.32
N GLY A 258 29.49 1.67 -4.98
CA GLY A 258 28.19 1.98 -5.55
C GLY A 258 27.47 3.05 -4.77
N THR A 259 26.34 3.47 -5.36
CA THR A 259 25.48 4.51 -4.80
C THR A 259 24.05 4.02 -4.77
N LEU A 260 23.41 4.14 -3.61
CA LEU A 260 21.99 3.83 -3.46
C LEU A 260 21.20 5.14 -3.47
N ILE A 261 20.13 5.18 -4.26
CA ILE A 261 19.31 6.38 -4.41
C ILE A 261 17.85 6.00 -4.30
N PHE A 262 17.15 6.55 -3.32
CA PHE A 262 15.71 6.35 -3.13
C PHE A 262 15.00 7.70 -3.27
N VAL A 263 14.33 7.90 -4.41
CA VAL A 263 13.40 9.00 -4.59
C VAL A 263 12.01 8.46 -4.30
N GLY A 264 11.37 8.97 -3.25
CA GLY A 264 10.13 8.37 -2.80
C GLY A 264 10.37 6.94 -2.35
N GLU A 265 9.50 6.04 -2.79
CA GLU A 265 9.66 4.61 -2.54
C GLU A 265 10.28 3.88 -3.72
N THR A 266 11.07 4.60 -4.51
CA THR A 266 11.68 4.07 -5.74
C THR A 266 13.19 4.07 -5.56
N GLY A 267 13.81 2.90 -5.67
CA GLY A 267 15.23 2.72 -5.41
C GLY A 267 16.00 2.36 -6.67
N ARG A 268 17.24 2.85 -6.74
CA ARG A 268 18.17 2.50 -7.79
C ARG A 268 19.52 2.17 -7.19
N LEU A 269 20.15 1.11 -7.70
CA LEU A 269 21.52 0.78 -7.37
C LEU A 269 22.40 1.16 -8.57
N ILE A 270 23.49 1.87 -8.29
CA ILE A 270 24.40 2.34 -9.34
C ILE A 270 25.80 1.86 -8.98
N GLN A 271 26.37 1.01 -9.84
CA GLN A 271 27.73 0.52 -9.66
C GLN A 271 28.43 0.59 -11.02
N GLY A 272 29.45 1.44 -11.12
CA GLY A 272 30.14 1.62 -12.38
C GLY A 272 29.20 1.98 -13.51
N GLN A 273 29.19 1.17 -14.55
CA GLN A 273 28.32 1.40 -15.71
C GLN A 273 26.97 0.72 -15.59
N THR A 274 26.72 -0.02 -14.51
CA THR A 274 25.47 -0.75 -14.34
C THR A 274 24.50 0.05 -13.48
N GLU A 275 23.21 -0.07 -13.80
CA GLU A 275 22.14 0.51 -13.01
C GLU A 275 21.06 -0.53 -12.81
N THR A 276 20.77 -0.86 -11.56
CA THR A 276 19.79 -1.88 -11.20
C THR A 276 18.69 -1.23 -10.36
N GLU A 277 17.47 -1.24 -10.86
CA GLU A 277 16.34 -0.81 -10.06
C GLU A 277 16.15 -1.78 -8.90
N ILE A 278 15.83 -1.23 -7.73
CA ILE A 278 15.71 -1.99 -6.50
C ILE A 278 14.24 -2.09 -6.14
N THR A 279 13.79 -3.29 -5.81
CA THR A 279 12.41 -3.53 -5.39
C THR A 279 12.24 -3.13 -3.94
N VAL A 280 11.25 -2.31 -3.65
CA VAL A 280 10.95 -1.87 -2.29
C VAL A 280 9.65 -2.53 -1.86
N GLY A 281 9.70 -3.23 -0.73
CA GLY A 281 8.53 -3.90 -0.23
C GLY A 281 7.54 -2.96 0.44
N SER A 282 6.32 -3.45 0.60
CA SER A 282 5.27 -2.65 1.24
C SER A 282 5.50 -2.56 2.74
N ARG A 283 5.08 -1.44 3.32
CA ARG A 283 5.07 -1.33 4.77
C ARG A 283 3.96 -2.20 5.38
N ARG A 284 2.92 -2.49 4.60
CA ARG A 284 1.85 -3.37 5.06
C ARG A 284 2.41 -4.71 5.52
N GLY A 285 3.38 -5.25 4.78
CA GLY A 285 3.95 -6.54 5.13
C GLY A 285 4.77 -6.50 6.41
N LEU A 286 5.54 -5.42 6.60
CA LEU A 286 6.37 -5.31 7.81
C LEU A 286 5.52 -5.05 9.04
N PHE A 287 4.41 -4.32 8.90
CA PHE A 287 3.50 -4.14 10.02
C PHE A 287 2.85 -5.46 10.40
N ARG A 288 2.54 -6.31 9.43
CA ARG A 288 1.90 -7.59 9.74
C ARG A 288 2.85 -8.51 10.50
N GLN A 289 4.09 -8.62 10.03
CA GLN A 289 5.06 -9.50 10.67
C GLN A 289 5.40 -9.04 12.08
N ASP A 290 5.52 -7.72 12.28
CA ASP A 290 5.75 -7.22 13.62
C ASP A 290 4.52 -7.44 14.50
N THR A 291 3.32 -7.20 13.96
CA THR A 291 2.10 -7.43 14.72
C THR A 291 1.90 -8.91 15.02
N GLU A 292 2.35 -9.79 14.12
CA GLU A 292 2.27 -11.22 14.41
C GLU A 292 3.35 -11.63 15.40
N ALA A 293 4.52 -11.00 15.33
CA ALA A 293 5.61 -11.35 16.23
C ALA A 293 5.36 -10.91 17.67
N VAL A 294 4.48 -9.94 17.89
CA VAL A 294 4.14 -9.57 19.26
C VAL A 294 3.06 -10.47 19.84
N LEU A 295 2.19 -11.02 18.99
CA LEU A 295 1.26 -12.05 19.45
C LEU A 295 1.98 -13.35 19.76
N ASP A 296 3.03 -13.67 19.01
CA ASP A 296 3.89 -14.81 19.33
C ASP A 296 4.40 -14.70 20.75
N TYR A 297 4.88 -13.51 21.13
CA TYR A 297 5.50 -13.33 22.44
C TYR A 297 4.49 -13.49 23.56
N LEU A 298 3.32 -12.86 23.42
CA LEU A 298 2.32 -12.88 24.49
C LEU A 298 1.50 -14.16 24.54
N THR A 299 1.70 -15.09 23.59
CA THR A 299 1.01 -16.37 23.62
C THR A 299 1.96 -17.57 23.68
N THR A 300 3.26 -17.38 23.42
CA THR A 300 4.24 -18.46 23.50
C THR A 300 5.50 -18.11 24.28
N GLY A 301 5.86 -16.83 24.39
CA GLY A 301 7.06 -16.44 25.08
C GLY A 301 8.30 -16.33 24.22
N LYS A 302 8.20 -16.56 22.92
CA LYS A 302 9.33 -16.44 22.01
C LYS A 302 9.73 -14.97 21.92
N PRO A 303 10.87 -14.56 22.48
CA PRO A 303 11.18 -13.13 22.58
C PRO A 303 11.19 -12.45 21.23
N LEU A 304 10.76 -11.18 21.23
CA LEU A 304 10.68 -10.42 19.99
C LEU A 304 12.04 -10.29 19.33
N TYR A 305 12.02 -10.19 18.00
CA TYR A 305 13.27 -10.01 17.26
C TYR A 305 13.90 -8.67 17.59
N VAL A 306 13.09 -7.64 17.79
CA VAL A 306 13.55 -6.29 18.08
C VAL A 306 13.56 -6.10 19.59
N ASP A 307 14.49 -5.27 20.07
CA ASP A 307 14.45 -4.77 21.43
C ASP A 307 14.60 -3.24 21.39
N LEU A 308 14.59 -2.62 22.58
CA LEU A 308 14.44 -1.18 22.71
C LEU A 308 15.70 -0.41 22.34
N GLU A 309 16.85 -1.07 22.18
CA GLU A 309 18.12 -0.36 22.03
C GLU A 309 18.11 0.56 20.82
N ALA A 310 17.45 0.15 19.73
CA ALA A 310 17.41 0.99 18.54
C ALA A 310 16.67 2.29 18.81
N SER A 311 15.47 2.20 19.42
CA SER A 311 14.67 3.38 19.65
C SER A 311 15.24 4.24 20.77
N LEU A 312 15.99 3.64 21.70
CA LEU A 312 16.64 4.43 22.74
C LEU A 312 17.85 5.18 22.19
N TYR A 313 18.57 4.60 21.23
CA TYR A 313 19.68 5.32 20.62
C TYR A 313 19.19 6.35 19.62
N ALA A 314 18.05 6.12 18.97
CA ALA A 314 17.44 7.15 18.14
C ALA A 314 17.13 8.40 18.95
N LEU A 315 16.61 8.21 20.17
CA LEU A 315 16.35 9.34 21.05
C LEU A 315 17.65 10.05 21.44
N GLU A 316 18.69 9.27 21.75
CA GLU A 316 19.96 9.86 22.14
C GLU A 316 20.51 10.78 21.04
N VAL A 317 20.42 10.35 19.79
CA VAL A 317 20.86 11.19 18.68
C VAL A 317 19.98 12.43 18.57
N ALA A 318 18.68 12.28 18.82
CA ALA A 318 17.78 13.43 18.77
C ALA A 318 18.07 14.41 19.90
N ASP A 319 18.34 13.89 21.10
CA ASP A 319 18.75 14.76 22.20
C ASP A 319 20.04 15.50 21.86
N LEU A 320 20.97 14.81 21.17
CA LEU A 320 22.22 15.43 20.79
C LEU A 320 22.02 16.54 19.77
N CYS A 321 21.17 16.30 18.76
CA CYS A 321 20.92 17.31 17.75
C CYS A 321 20.09 18.46 18.31
N ALA A 322 19.10 18.16 19.13
CA ALA A 322 18.29 19.21 19.74
C ALA A 322 19.15 20.13 20.60
N GLN A 323 20.15 19.56 21.30
CA GLN A 323 21.05 20.40 22.08
C GLN A 323 21.92 21.27 21.18
N ALA A 324 22.36 20.72 20.04
CA ALA A 324 23.15 21.52 19.10
C ALA A 324 22.30 22.59 18.42
N CYS A 325 21.01 22.35 18.28
CA CYS A 325 20.10 23.34 17.73
C CYS A 325 19.73 24.44 18.72
N GLY A 326 20.03 24.24 20.01
CA GLY A 326 19.48 25.11 21.03
C GLY A 326 18.00 24.90 21.29
N TYR A 327 17.40 23.88 20.68
CA TYR A 327 15.99 23.60 20.85
C TYR A 327 15.69 23.21 22.30
N LYS A 328 14.74 23.91 22.91
CA LYS A 328 14.39 23.72 24.32
C LYS A 328 15.59 23.90 25.23
N ALA B 11 -4.05 16.48 -26.22
CA ALA B 11 -4.20 17.92 -26.12
C ALA B 11 -4.53 18.31 -24.67
N THR B 12 -3.71 19.18 -24.11
CA THR B 12 -3.55 19.29 -22.66
C THR B 12 -4.05 20.63 -22.11
N PRO B 13 -4.63 20.63 -20.88
CA PRO B 13 -4.99 19.54 -19.96
C PRO B 13 -5.93 18.52 -20.57
N VAL B 14 -5.56 17.23 -20.50
CA VAL B 14 -6.50 16.20 -20.91
C VAL B 14 -7.65 16.17 -19.92
N ARG B 15 -8.86 16.42 -20.41
CA ARG B 15 -10.02 16.54 -19.54
C ARG B 15 -10.67 15.16 -19.41
N VAL B 16 -10.83 14.71 -18.17
CA VAL B 16 -11.17 13.32 -17.87
C VAL B 16 -12.60 13.26 -17.34
N GLY B 17 -13.31 12.20 -17.73
CA GLY B 17 -14.61 11.88 -17.16
C GLY B 17 -14.61 10.48 -16.58
N ILE B 18 -14.79 10.38 -15.27
CA ILE B 18 -14.71 9.11 -14.56
C ILE B 18 -16.11 8.60 -14.28
N VAL B 19 -16.44 7.42 -14.79
CA VAL B 19 -17.64 6.72 -14.34
C VAL B 19 -17.22 5.74 -13.24
N GLY B 20 -17.78 5.92 -12.06
CA GLY B 20 -17.39 5.15 -10.89
C GLY B 20 -17.01 6.05 -9.73
N THR B 21 -17.15 5.51 -8.52
CA THR B 21 -16.82 6.25 -7.31
C THR B 21 -16.06 5.43 -6.27
N GLY B 22 -15.75 4.17 -6.56
CA GLY B 22 -15.16 3.29 -5.58
C GLY B 22 -13.64 3.39 -5.52
N TYR B 23 -13.02 2.30 -5.05
CA TYR B 23 -11.58 2.27 -4.86
C TYR B 23 -10.83 2.67 -6.13
N ALA B 24 -11.12 2.00 -7.25
CA ALA B 24 -10.38 2.24 -8.47
C ALA B 24 -10.51 3.70 -8.92
N ALA B 25 -11.76 4.19 -9.03
CA ALA B 25 -11.98 5.57 -9.48
C ALA B 25 -11.30 6.58 -8.56
N GLN B 26 -11.17 6.26 -7.27
CA GLN B 26 -10.59 7.21 -6.34
C GLN B 26 -9.08 7.31 -6.50
N ARG B 27 -8.40 6.17 -6.67
CA ARG B 27 -6.94 6.22 -6.87
C ARG B 27 -6.58 6.90 -8.18
N ARG B 28 -7.46 6.83 -9.18
CA ARG B 28 -7.23 7.57 -10.42
C ARG B 28 -7.38 9.07 -10.19
N ALA B 29 -8.55 9.49 -9.67
CA ALA B 29 -8.80 10.91 -9.43
C ALA B 29 -7.74 11.54 -8.55
N GLU B 30 -7.10 10.73 -7.70
CA GLU B 30 -6.01 11.25 -6.86
C GLU B 30 -4.81 11.65 -7.71
N VAL B 31 -4.43 10.84 -8.68
CA VAL B 31 -3.24 11.15 -9.47
C VAL B 31 -3.56 12.05 -10.66
N PHE B 32 -4.77 11.97 -11.23
CA PHE B 32 -5.18 12.93 -12.24
C PHE B 32 -5.10 14.34 -11.71
N ARG B 33 -5.34 14.53 -10.43
CA ARG B 33 -5.28 15.85 -9.80
C ARG B 33 -3.84 16.29 -9.58
N GLY B 34 -3.02 15.38 -8.93
CA GLY B 34 -1.64 15.69 -8.65
C GLY B 34 -0.76 15.62 -9.89
N ASP B 35 -1.38 15.70 -11.07
CA ASP B 35 -0.66 15.75 -12.33
C ASP B 35 -1.10 16.97 -13.12
N ARG B 36 -0.15 17.63 -13.76
CA ARG B 36 -0.37 18.89 -14.44
C ARG B 36 -0.72 18.72 -15.91
N ARG B 37 -0.62 17.51 -16.45
CA ARG B 37 -1.09 17.22 -17.80
C ARG B 37 -2.59 16.96 -17.85
N SER B 38 -3.27 16.86 -16.71
CA SER B 38 -4.64 16.40 -16.66
C SER B 38 -5.47 17.19 -15.67
N GLN B 39 -6.78 17.14 -15.86
CA GLN B 39 -7.74 17.75 -14.95
C GLN B 39 -9.04 16.93 -15.02
N LEU B 40 -9.70 16.80 -13.87
CA LEU B 40 -10.90 15.99 -13.73
C LEU B 40 -12.10 16.91 -13.62
N VAL B 41 -13.05 16.79 -14.56
CA VAL B 41 -14.12 17.76 -14.71
C VAL B 41 -15.51 17.20 -14.52
N SER B 42 -15.67 15.87 -14.38
CA SER B 42 -16.99 15.30 -14.12
C SER B 42 -16.80 13.88 -13.61
N PHE B 43 -17.87 13.34 -13.02
CA PHE B 43 -17.89 11.94 -12.61
C PHE B 43 -19.34 11.49 -12.53
N TRP B 44 -19.55 10.22 -12.22
CA TRP B 44 -20.90 9.67 -12.14
C TRP B 44 -20.86 8.43 -11.28
N GLY B 45 -21.88 8.20 -10.48
CA GLY B 45 -21.84 7.04 -9.60
C GLY B 45 -23.23 6.62 -9.21
N ASN B 46 -23.44 5.94 -8.08
CA ASN B 46 -24.71 5.27 -7.77
C ASN B 46 -25.35 5.87 -6.55
N SER B 47 -24.83 5.62 -5.35
CA SER B 47 -25.44 6.11 -4.13
C SER B 47 -25.16 7.59 -3.87
N GLU B 48 -26.21 8.33 -3.49
CA GLU B 48 -26.02 9.74 -3.18
C GLU B 48 -24.99 9.92 -2.07
N ALA B 49 -24.86 8.93 -1.17
CA ALA B 49 -23.91 9.02 -0.07
C ALA B 49 -22.47 9.01 -0.57
N ASN B 50 -22.14 8.12 -1.50
CA ASN B 50 -20.77 8.04 -2.00
C ASN B 50 -20.52 8.94 -3.21
N THR B 51 -21.58 9.29 -3.96
CA THR B 51 -21.45 10.37 -4.93
C THR B 51 -21.14 11.68 -4.23
N ALA B 52 -21.76 11.92 -3.07
CA ALA B 52 -21.45 13.10 -2.28
C ALA B 52 -20.04 13.03 -1.72
N LYS B 53 -19.67 11.87 -1.15
CA LYS B 53 -18.33 11.71 -0.59
C LYS B 53 -17.26 11.88 -1.66
N PHE B 54 -17.56 11.45 -2.89
CA PHE B 54 -16.61 11.63 -3.99
C PHE B 54 -16.50 13.10 -4.39
N ALA B 55 -17.64 13.77 -4.54
CA ALA B 55 -17.64 15.15 -5.04
C ALA B 55 -16.95 16.10 -4.05
N ASP B 56 -17.15 15.88 -2.75
CA ASP B 56 -16.47 16.70 -1.76
C ASP B 56 -14.98 16.41 -1.72
N THR B 57 -14.61 15.12 -1.73
CA THR B 57 -13.21 14.74 -1.69
C THR B 57 -12.44 15.30 -2.88
N PHE B 58 -13.11 15.49 -4.01
CA PHE B 58 -12.38 15.80 -5.23
C PHE B 58 -12.79 17.10 -5.90
N GLY B 59 -13.69 17.89 -5.32
CA GLY B 59 -14.04 19.16 -5.92
C GLY B 59 -14.49 18.97 -7.36
N VAL B 60 -15.34 17.98 -7.57
CA VAL B 60 -15.85 17.64 -8.89
C VAL B 60 -17.36 17.69 -8.84
N ARG B 61 -17.96 18.02 -9.98
CA ARG B 61 -19.40 18.15 -10.10
C ARG B 61 -19.98 16.91 -10.76
N PRO B 62 -20.90 16.21 -10.11
CA PRO B 62 -21.43 14.96 -10.69
C PRO B 62 -22.24 15.21 -11.95
N GLN B 63 -22.47 14.12 -12.69
CA GLN B 63 -23.49 14.05 -13.72
C GLN B 63 -24.61 13.15 -13.22
N GLN B 64 -25.76 13.24 -13.87
CA GLN B 64 -26.93 12.49 -13.43
C GLN B 64 -27.19 11.23 -14.25
N SER B 65 -26.57 11.11 -15.42
CA SER B 65 -26.57 9.89 -16.20
C SER B 65 -25.21 9.74 -16.85
N TRP B 66 -24.76 8.51 -17.03
CA TRP B 66 -23.47 8.32 -17.68
C TRP B 66 -23.55 8.56 -19.19
N GLN B 67 -24.73 8.46 -19.79
CA GLN B 67 -24.88 8.86 -21.18
C GLN B 67 -24.58 10.34 -21.36
N ALA B 68 -24.99 11.17 -20.40
CA ALA B 68 -24.68 12.59 -20.48
C ALA B 68 -23.20 12.86 -20.27
N LEU B 69 -22.52 12.03 -19.47
CA LEU B 69 -21.10 12.24 -19.23
C LEU B 69 -20.28 11.91 -20.46
N ILE B 70 -20.63 10.82 -21.17
CA ILE B 70 -19.85 10.43 -22.34
C ILE B 70 -20.18 11.28 -23.57
N ASN B 71 -21.37 11.88 -23.62
CA ASN B 71 -21.75 12.78 -24.71
C ASN B 71 -21.40 14.23 -24.41
N ASP B 72 -20.72 14.47 -23.30
CA ASP B 72 -20.21 15.80 -22.98
C ASP B 72 -19.05 16.15 -23.92
N PRO B 73 -19.09 17.29 -24.61
CA PRO B 73 -18.01 17.68 -25.51
C PRO B 73 -16.77 18.19 -24.80
N GLU B 74 -16.83 18.38 -23.48
CA GLU B 74 -15.74 19.00 -22.73
C GLU B 74 -14.79 17.97 -22.13
N ILE B 75 -14.85 16.73 -22.56
CA ILE B 75 -13.92 15.70 -22.08
C ILE B 75 -13.33 14.96 -23.28
N ASP B 76 -12.08 14.52 -23.13
CA ASP B 76 -11.39 13.70 -24.11
C ASP B 76 -11.31 12.25 -23.70
N LEU B 77 -11.14 11.99 -22.41
CA LEU B 77 -10.83 10.66 -21.88
C LEU B 77 -11.92 10.23 -20.92
N VAL B 78 -12.55 9.09 -21.20
CA VAL B 78 -13.55 8.49 -20.34
C VAL B 78 -12.92 7.31 -19.62
N LEU B 79 -12.92 7.34 -18.29
CA LEU B 79 -12.33 6.28 -17.48
C LEU B 79 -13.45 5.48 -16.84
N ILE B 80 -13.48 4.18 -17.11
CA ILE B 80 -14.55 3.30 -16.68
C ILE B 80 -14.06 2.48 -15.49
N ALA B 81 -14.56 2.81 -14.30
CA ALA B 81 -14.26 2.07 -13.07
C ALA B 81 -15.54 1.80 -12.30
N THR B 82 -16.54 1.24 -12.99
CA THR B 82 -17.83 0.93 -12.41
C THR B 82 -18.00 -0.60 -12.37
N ILE B 83 -19.23 -1.05 -12.07
CA ILE B 83 -19.48 -2.48 -11.96
C ILE B 83 -19.26 -3.15 -13.31
N ASN B 84 -18.87 -4.44 -13.26
CA ASN B 84 -18.42 -5.14 -14.47
C ASN B 84 -19.51 -5.21 -15.53
N GLN B 85 -20.78 -5.26 -15.13
CA GLN B 85 -21.87 -5.38 -16.10
C GLN B 85 -21.92 -4.19 -17.05
N LEU B 86 -21.54 -3.01 -16.58
CA LEU B 86 -21.64 -1.79 -17.38
C LEU B 86 -20.37 -1.48 -18.16
N HIS B 87 -19.34 -2.32 -18.04
CA HIS B 87 -18.08 -2.04 -18.75
C HIS B 87 -18.28 -2.04 -20.26
N GLY B 88 -19.03 -3.01 -20.77
CA GLY B 88 -19.21 -3.15 -22.20
C GLY B 88 -19.91 -1.98 -22.87
N ALA B 89 -21.13 -1.69 -22.43
CA ALA B 89 -21.96 -0.70 -23.13
C ALA B 89 -21.40 0.72 -22.98
N ILE B 90 -20.79 1.04 -21.83
CA ILE B 90 -20.31 2.41 -21.62
C ILE B 90 -19.05 2.66 -22.45
N ALA B 91 -18.17 1.68 -22.55
CA ALA B 91 -17.02 1.80 -23.43
C ALA B 91 -17.46 2.01 -24.88
N GLU B 92 -18.50 1.29 -25.30
CA GLU B 92 -19.01 1.42 -26.65
C GLU B 92 -19.57 2.82 -26.90
N ALA B 93 -20.48 3.27 -26.04
CA ALA B 93 -21.11 4.57 -26.22
C ALA B 93 -20.08 5.69 -26.12
N ALA B 94 -19.15 5.59 -25.17
CA ALA B 94 -18.09 6.60 -25.08
C ALA B 94 -17.24 6.63 -26.34
N LEU B 95 -17.04 5.48 -26.98
CA LEU B 95 -16.29 5.44 -28.22
C LEU B 95 -17.10 6.01 -29.39
N GLN B 96 -18.41 5.74 -29.42
CA GLN B 96 -19.24 6.27 -30.49
C GLN B 96 -19.17 7.80 -30.52
N ALA B 97 -19.23 8.43 -29.36
CA ALA B 97 -19.02 9.87 -29.24
C ALA B 97 -17.55 10.26 -29.28
N GLY B 98 -16.69 9.39 -29.80
CA GLY B 98 -15.29 9.72 -30.06
C GLY B 98 -14.49 10.12 -28.85
N LYS B 99 -14.47 9.28 -27.81
CA LYS B 99 -13.71 9.55 -26.61
C LYS B 99 -12.62 8.49 -26.43
N HIS B 100 -11.53 8.90 -25.78
CA HIS B 100 -10.54 7.94 -25.33
C HIS B 100 -11.09 7.17 -24.14
N VAL B 101 -11.04 5.84 -24.21
CA VAL B 101 -11.63 5.00 -23.18
C VAL B 101 -10.51 4.22 -22.49
N VAL B 102 -10.44 4.37 -21.17
CA VAL B 102 -9.65 3.51 -20.30
C VAL B 102 -10.62 2.71 -19.44
N LEU B 103 -10.42 1.41 -19.38
CA LEU B 103 -11.22 0.54 -18.52
C LEU B 103 -10.33 -0.19 -17.52
N GLU B 104 -10.83 -0.31 -16.30
CA GLU B 104 -10.35 -1.37 -15.42
C GLU B 104 -10.86 -2.70 -15.97
N TYR B 105 -10.11 -3.77 -15.72
CA TYR B 105 -10.53 -5.08 -16.20
C TYR B 105 -11.82 -5.50 -15.51
N PRO B 106 -12.65 -6.32 -16.18
CA PRO B 106 -12.47 -6.80 -17.55
C PRO B 106 -12.87 -5.73 -18.56
N LEU B 107 -12.59 -5.95 -19.84
CA LEU B 107 -13.03 -4.99 -20.85
C LEU B 107 -14.51 -5.17 -21.18
N ALA B 108 -15.00 -6.40 -21.14
CA ALA B 108 -16.43 -6.68 -21.26
C ALA B 108 -16.67 -8.05 -20.64
N LEU B 109 -17.95 -8.41 -20.52
CA LEU B 109 -18.29 -9.68 -19.92
C LEU B 109 -18.26 -10.85 -20.92
N THR B 110 -18.18 -10.56 -22.22
CA THR B 110 -18.04 -11.61 -23.22
C THR B 110 -16.87 -11.28 -24.14
N TYR B 111 -16.22 -12.33 -24.64
CA TYR B 111 -15.19 -12.15 -25.66
C TYR B 111 -15.78 -11.53 -26.93
N ALA B 112 -17.03 -11.87 -27.25
CA ALA B 112 -17.73 -11.30 -28.39
C ALA B 112 -17.81 -9.78 -28.27
N MET B 113 -18.50 -9.29 -27.23
CA MET B 113 -18.54 -7.86 -26.98
C MET B 113 -17.14 -7.29 -26.82
N GLY B 114 -16.22 -8.07 -26.24
CA GLY B 114 -14.84 -7.63 -26.14
C GLY B 114 -14.19 -7.44 -27.50
N LYS B 115 -14.45 -8.35 -28.40
CA LYS B 115 -13.86 -8.20 -29.69
C LYS B 115 -14.40 -7.01 -30.42
N LYS B 116 -15.71 -6.85 -30.43
CA LYS B 116 -16.32 -5.74 -31.15
C LYS B 116 -15.79 -4.39 -30.69
N LEU B 117 -15.41 -4.28 -29.42
CA LEU B 117 -15.01 -2.98 -28.88
C LEU B 117 -13.58 -2.61 -29.26
N GLN B 118 -12.73 -3.60 -29.54
CA GLN B 118 -11.41 -3.27 -30.08
C GLN B 118 -11.51 -2.84 -31.53
N GLN B 119 -12.47 -3.39 -32.28
CA GLN B 119 -12.64 -2.98 -33.67
C GLN B 119 -13.19 -1.56 -33.75
N LEU B 120 -14.15 -1.23 -32.89
CA LEU B 120 -14.74 0.11 -32.89
C LEU B 120 -13.70 1.15 -32.49
N ALA B 121 -12.97 0.91 -31.40
CA ALA B 121 -11.95 1.86 -30.95
C ALA B 121 -10.91 2.11 -32.02
N ARG B 122 -10.70 1.13 -32.90
CA ARG B 122 -9.76 1.28 -34.01
C ARG B 122 -10.40 1.95 -35.18
N GLU B 123 -11.69 1.76 -35.35
CA GLU B 123 -12.38 2.41 -36.47
C GLU B 123 -12.52 3.91 -36.23
N LYS B 124 -12.63 4.30 -34.97
CA LYS B 124 -12.77 5.70 -34.61
C LYS B 124 -11.47 6.30 -34.14
N GLY B 125 -10.38 5.61 -34.35
CA GLY B 125 -9.06 6.11 -34.02
C GLY B 125 -8.94 6.70 -32.64
N LYS B 126 -9.32 5.93 -31.62
CA LYS B 126 -9.26 6.38 -30.24
C LYS B 126 -8.62 5.30 -29.38
N LEU B 127 -8.05 5.72 -28.25
CA LEU B 127 -7.42 4.78 -27.33
C LEU B 127 -8.44 3.84 -26.72
N LEU B 128 -8.01 2.61 -26.47
CA LEU B 128 -8.80 1.62 -25.72
C LEU B 128 -7.80 0.79 -24.90
N HIS B 129 -7.56 1.23 -23.68
CA HIS B 129 -6.62 0.58 -22.78
C HIS B 129 -7.38 -0.09 -21.63
N VAL B 130 -6.99 -1.32 -21.31
CA VAL B 130 -7.47 -2.01 -20.13
C VAL B 130 -6.34 -2.08 -19.12
N GLU B 131 -6.61 -1.62 -17.91
CA GLU B 131 -5.61 -1.68 -16.85
C GLU B 131 -5.45 -3.12 -16.36
N HIS B 132 -4.19 -3.52 -16.13
CA HIS B 132 -3.85 -4.82 -15.55
C HIS B 132 -2.70 -4.59 -14.56
N ILE B 133 -3.02 -3.98 -13.41
CA ILE B 133 -2.00 -3.63 -12.44
C ILE B 133 -1.33 -4.86 -11.86
N GLU B 134 -1.94 -6.04 -11.99
CA GLU B 134 -1.28 -7.27 -11.56
C GLU B 134 0.00 -7.50 -12.35
N LEU B 135 -0.03 -7.20 -13.66
CA LEU B 135 1.10 -7.38 -14.56
C LEU B 135 2.13 -6.26 -14.46
N LEU B 136 2.18 -5.54 -13.35
CA LEU B 136 2.94 -4.30 -13.29
C LEU B 136 3.92 -4.32 -12.12
N GLY B 137 3.57 -5.02 -11.06
CA GLY B 137 4.45 -5.14 -9.93
C GLY B 137 3.97 -6.20 -8.96
N GLY B 138 4.52 -6.15 -7.75
CA GLY B 138 4.11 -7.08 -6.72
C GLY B 138 4.52 -8.50 -7.03
N VAL B 139 3.58 -9.43 -6.86
CA VAL B 139 3.90 -10.85 -6.96
C VAL B 139 4.25 -11.23 -8.39
N HIS B 140 3.55 -10.65 -9.38
CA HIS B 140 3.75 -11.06 -10.76
C HIS B 140 5.12 -10.64 -11.28
N GLN B 141 5.62 -9.48 -10.86
CA GLN B 141 6.94 -9.05 -11.31
C GLN B 141 8.06 -9.77 -10.58
N ALA B 142 7.79 -10.26 -9.35
CA ALA B 142 8.76 -11.10 -8.68
C ALA B 142 8.88 -12.46 -9.34
N ILE B 143 7.77 -12.98 -9.87
CA ILE B 143 7.81 -14.24 -10.62
C ILE B 143 8.57 -14.06 -11.92
N ARG B 144 8.30 -12.97 -12.63
CA ARG B 144 8.95 -12.72 -13.91
C ARG B 144 10.46 -12.57 -13.77
N GLN B 145 10.92 -12.05 -12.62
CA GLN B 145 12.34 -11.82 -12.41
C GLN B 145 13.08 -13.08 -11.97
N ASN B 146 12.39 -14.07 -11.42
CA ASN B 146 13.00 -15.33 -11.02
C ASN B 146 12.54 -16.50 -11.88
N LEU B 147 11.75 -16.25 -12.92
CA LEU B 147 11.17 -17.32 -13.71
C LEU B 147 12.25 -18.17 -14.38
N GLY B 148 13.24 -17.51 -14.99
CA GLY B 148 14.31 -18.24 -15.66
C GLY B 148 15.17 -19.06 -14.72
N LYS B 149 15.12 -18.77 -13.41
CA LYS B 149 15.96 -19.48 -12.45
C LYS B 149 15.46 -20.89 -12.15
N ILE B 150 14.29 -21.30 -12.65
CA ILE B 150 13.68 -22.56 -12.25
C ILE B 150 13.46 -23.51 -13.41
N GLY B 151 13.94 -23.17 -14.61
CA GLY B 151 13.90 -24.11 -15.71
C GLY B 151 12.51 -24.27 -16.33
N GLU B 152 12.23 -25.48 -16.82
CA GLU B 152 10.96 -25.77 -17.46
C GLU B 152 9.89 -25.97 -16.40
N VAL B 153 8.97 -25.01 -16.29
CA VAL B 153 7.88 -25.14 -15.35
C VAL B 153 6.92 -26.21 -15.86
N PHE B 154 6.46 -27.07 -14.95
CA PHE B 154 5.57 -28.18 -15.31
C PHE B 154 4.28 -28.25 -14.49
N TYR B 155 4.24 -27.63 -13.31
CA TYR B 155 3.05 -27.60 -12.48
C TYR B 155 2.92 -26.21 -11.88
N ALA B 156 1.72 -25.65 -11.92
CA ALA B 156 1.50 -24.27 -11.49
C ALA B 156 0.10 -24.11 -10.94
N ARG B 157 -0.01 -23.45 -9.79
CA ARG B 157 -1.27 -23.29 -9.09
C ARG B 157 -1.38 -21.88 -8.53
N TYR B 158 -2.46 -21.19 -8.87
CA TYR B 158 -2.85 -19.95 -8.18
C TYR B 158 -4.19 -20.21 -7.52
N SER B 159 -4.23 -20.05 -6.20
CA SER B 159 -5.40 -20.40 -5.40
C SER B 159 -5.77 -19.22 -4.52
N THR B 160 -6.97 -18.69 -4.72
CA THR B 160 -7.48 -17.60 -3.90
C THR B 160 -8.78 -18.02 -3.24
N ILE B 161 -8.82 -17.92 -1.92
CA ILE B 161 -10.01 -18.21 -1.14
C ILE B 161 -10.14 -17.06 -0.14
N MET B 162 -11.21 -16.27 -0.29
CA MET B 162 -11.45 -15.12 0.59
C MET B 162 -12.77 -15.35 1.32
N GLY B 163 -12.69 -15.92 2.52
CA GLY B 163 -13.89 -16.14 3.30
C GLY B 163 -14.52 -14.84 3.74
N GLN B 164 -15.86 -14.86 3.83
CA GLN B 164 -16.61 -13.66 4.18
C GLN B 164 -17.97 -14.10 4.70
N ASN B 165 -18.23 -13.86 5.98
CA ASN B 165 -19.52 -14.21 6.57
C ASN B 165 -19.90 -13.25 7.69
N PRO B 166 -21.10 -12.65 7.60
CA PRO B 166 -22.10 -12.86 6.54
C PRO B 166 -21.70 -12.24 5.19
N ALA B 167 -22.30 -12.73 4.10
CA ALA B 167 -21.93 -12.20 2.79
C ALA B 167 -22.80 -11.00 2.45
N PRO B 168 -22.20 -9.93 1.94
CA PRO B 168 -22.96 -8.70 1.68
C PRO B 168 -23.75 -8.77 0.39
N GLN B 169 -24.89 -8.07 0.40
CA GLN B 169 -25.67 -7.87 -0.82
C GLN B 169 -25.12 -6.63 -1.54
N ARG B 170 -23.94 -6.81 -2.14
CA ARG B 170 -23.30 -5.78 -2.95
C ARG B 170 -23.00 -6.36 -4.32
N TRP B 171 -22.48 -5.52 -5.21
CA TRP B 171 -22.35 -5.90 -6.61
C TRP B 171 -21.34 -7.02 -6.84
N THR B 172 -20.39 -7.20 -5.93
CA THR B 172 -19.39 -8.26 -6.10
C THR B 172 -19.92 -9.64 -5.76
N TYR B 173 -21.11 -9.74 -5.16
CA TYR B 173 -21.78 -11.02 -4.94
C TYR B 173 -23.06 -11.13 -5.75
N HIS B 174 -23.19 -10.31 -6.79
CA HIS B 174 -24.39 -10.20 -7.60
C HIS B 174 -24.12 -10.85 -8.96
N HIS B 175 -24.91 -11.86 -9.30
CA HIS B 175 -24.65 -12.68 -10.48
C HIS B 175 -24.45 -11.84 -11.73
N GLN B 176 -25.42 -10.99 -12.05
CA GLN B 176 -25.36 -10.25 -13.31
C GLN B 176 -24.41 -9.05 -13.24
N GLN B 177 -24.31 -8.39 -12.08
CA GLN B 177 -23.44 -7.24 -11.96
C GLN B 177 -21.97 -7.65 -11.86
N PHE B 178 -21.69 -8.79 -11.22
CA PHE B 178 -20.30 -9.25 -11.09
C PHE B 178 -19.85 -10.00 -12.33
N GLY B 179 -20.75 -10.80 -12.92
CA GLY B 179 -20.38 -11.62 -14.06
C GLY B 179 -19.83 -12.96 -13.63
N PHE B 180 -19.33 -13.70 -14.62
CA PHE B 180 -18.69 -14.98 -14.33
C PHE B 180 -17.44 -14.74 -13.51
N PRO B 181 -17.24 -15.49 -12.41
CA PRO B 181 -16.12 -15.19 -11.51
C PRO B 181 -14.76 -15.05 -12.18
N LEU B 182 -14.41 -15.96 -13.09
CA LEU B 182 -13.10 -15.89 -13.73
C LEU B 182 -13.04 -14.83 -14.83
N VAL B 183 -14.19 -14.36 -15.30
CA VAL B 183 -14.21 -13.17 -16.14
C VAL B 183 -14.03 -11.91 -15.29
N ALA B 184 -14.78 -11.83 -14.19
CA ALA B 184 -14.70 -10.67 -13.32
C ALA B 184 -13.31 -10.53 -12.70
N ALA B 185 -12.80 -11.62 -12.14
CA ALA B 185 -11.44 -11.63 -11.58
C ALA B 185 -10.43 -12.08 -12.64
N LEU B 186 -10.40 -11.33 -13.74
CA LEU B 186 -9.56 -11.68 -14.88
C LEU B 186 -8.09 -11.75 -14.52
N SER B 187 -7.67 -11.15 -13.40
CA SER B 187 -6.28 -11.17 -13.00
C SER B 187 -5.73 -12.58 -12.86
N ARG B 188 -6.57 -13.53 -12.46
CA ARG B 188 -6.12 -14.91 -12.31
C ARG B 188 -5.68 -15.49 -13.65
N ILE B 189 -6.54 -15.42 -14.66
CA ILE B 189 -6.16 -15.88 -15.99
C ILE B 189 -5.03 -15.03 -16.54
N SER B 190 -5.03 -13.72 -16.23
CA SER B 190 -4.08 -12.81 -16.85
C SER B 190 -2.64 -13.15 -16.47
N ARG B 191 -2.41 -13.58 -15.22
CA ARG B 191 -1.05 -13.93 -14.81
C ARG B 191 -0.52 -15.11 -15.60
N PHE B 192 -1.37 -16.09 -15.89
CA PHE B 192 -0.90 -17.31 -16.53
C PHE B 192 -0.68 -17.13 -18.02
N THR B 193 -1.57 -16.40 -18.70
CA THR B 193 -1.36 -16.14 -20.12
C THR B 193 -0.13 -15.28 -20.36
N ASP B 194 0.13 -14.32 -19.46
CA ASP B 194 1.30 -13.48 -19.61
C ASP B 194 2.60 -14.27 -19.44
N LEU B 195 2.57 -15.32 -18.63
CA LEU B 195 3.77 -16.07 -18.31
C LEU B 195 4.03 -17.24 -19.25
N PHE B 196 2.98 -17.85 -19.81
CA PHE B 196 3.15 -19.10 -20.55
C PHE B 196 2.48 -19.10 -21.93
N GLY B 197 1.96 -17.97 -22.37
CA GLY B 197 1.52 -17.87 -23.76
C GLY B 197 0.15 -18.46 -24.00
N THR B 198 0.07 -19.37 -24.97
CA THR B 198 -1.21 -19.82 -25.53
C THR B 198 -1.75 -21.04 -24.79
N VAL B 199 -3.06 -21.09 -24.63
CA VAL B 199 -3.76 -22.18 -23.95
C VAL B 199 -4.39 -23.09 -25.00
N GLN B 200 -4.29 -24.41 -24.79
CA GLN B 200 -4.80 -25.39 -25.75
C GLN B 200 -6.13 -26.02 -25.34
N GLN B 201 -6.09 -26.72 -24.22
CA GLN B 201 -7.27 -27.32 -23.61
C GLN B 201 -7.74 -26.56 -22.37
N VAL B 202 -9.05 -26.45 -22.19
CA VAL B 202 -9.58 -25.74 -21.02
C VAL B 202 -10.69 -26.58 -20.40
N ASP B 203 -10.54 -26.88 -19.11
CA ASP B 203 -11.56 -27.55 -18.30
C ASP B 203 -11.92 -26.63 -17.14
N ALA B 204 -13.27 -26.50 -16.71
CA ALA B 204 -13.69 -25.57 -15.67
C ALA B 204 -15.00 -26.05 -15.04
N GLN B 205 -15.10 -25.85 -13.74
CA GLN B 205 -16.34 -26.04 -13.00
C GLN B 205 -16.58 -24.79 -12.17
N CYS B 206 -17.85 -24.59 -11.78
CA CYS B 206 -18.21 -23.40 -11.00
C CYS B 206 -19.46 -23.72 -10.22
N ARG B 207 -19.40 -23.53 -8.90
CA ARG B 207 -20.51 -23.85 -8.00
C ARG B 207 -20.92 -22.60 -7.25
N PHE B 208 -22.23 -22.39 -7.15
CA PHE B 208 -22.81 -21.22 -6.49
C PHE B 208 -23.73 -21.64 -5.35
N TRP B 209 -23.60 -20.96 -4.21
CA TRP B 209 -24.58 -21.01 -3.14
C TRP B 209 -25.40 -19.72 -3.23
N ASP B 210 -26.68 -19.85 -3.56
CA ASP B 210 -27.52 -18.68 -3.73
C ASP B 210 -27.98 -18.11 -2.40
N GLN B 211 -28.12 -16.78 -2.35
CA GLN B 211 -28.79 -16.12 -1.25
C GLN B 211 -30.29 -16.34 -1.36
N PRO B 212 -31.05 -16.04 -0.28
CA PRO B 212 -32.51 -16.08 -0.37
C PRO B 212 -33.05 -15.38 -1.60
N ASN B 213 -32.56 -14.17 -1.88
CA ASN B 213 -32.83 -13.49 -3.14
C ASN B 213 -31.78 -13.98 -4.14
N PRO B 214 -32.18 -14.79 -5.15
CA PRO B 214 -31.18 -15.45 -6.00
C PRO B 214 -30.38 -14.51 -6.89
N GLU B 215 -30.66 -13.21 -6.87
CA GLU B 215 -29.82 -12.27 -7.60
C GLU B 215 -28.43 -12.19 -6.99
N TYR B 216 -28.29 -12.52 -5.71
CA TYR B 216 -27.01 -12.58 -5.04
C TYR B 216 -26.68 -14.02 -4.68
N PHE B 217 -25.39 -14.33 -4.64
CA PHE B 217 -24.90 -15.57 -4.07
C PHE B 217 -24.15 -15.27 -2.78
N ARG B 218 -24.26 -16.19 -1.83
CA ARG B 218 -23.50 -16.08 -0.59
C ARG B 218 -22.08 -16.61 -0.71
N ALA B 219 -21.85 -17.51 -1.66
CA ALA B 219 -20.52 -18.04 -1.89
C ALA B 219 -20.42 -18.50 -3.34
N CYS B 220 -19.19 -18.61 -3.83
CA CYS B 220 -18.94 -19.17 -5.14
C CYS B 220 -17.59 -19.88 -5.11
N LEU B 221 -17.45 -20.87 -6.00
CA LEU B 221 -16.21 -21.64 -6.13
C LEU B 221 -16.01 -21.94 -7.60
N ALA B 222 -15.03 -21.28 -8.22
CA ALA B 222 -14.70 -21.48 -9.62
C ALA B 222 -13.31 -22.11 -9.71
N THR B 223 -13.20 -23.19 -10.49
CA THR B 223 -11.94 -23.90 -10.67
C THR B 223 -11.71 -24.10 -12.16
N ALA B 224 -10.63 -23.53 -12.67
CA ALA B 224 -10.25 -23.67 -14.07
C ALA B 224 -8.95 -24.46 -14.15
N TYR B 225 -8.92 -25.46 -15.04
CA TYR B 225 -7.74 -26.28 -15.25
C TYR B 225 -7.25 -26.03 -16.67
N LEU B 226 -6.20 -25.23 -16.81
CA LEU B 226 -5.68 -24.83 -18.10
C LEU B 226 -4.49 -25.69 -18.50
N GLN B 227 -4.36 -25.93 -19.81
CA GLN B 227 -3.23 -26.66 -20.37
C GLN B 227 -2.45 -25.75 -21.29
N PHE B 228 -1.13 -25.74 -21.14
CA PHE B 228 -0.23 -24.95 -21.97
C PHE B 228 0.69 -25.89 -22.75
N ASN B 229 1.66 -25.31 -23.44
CA ASN B 229 2.70 -26.09 -24.09
C ASN B 229 3.59 -26.75 -23.04
N ASN B 230 4.58 -27.51 -23.51
CA ASN B 230 5.53 -28.21 -22.64
C ASN B 230 4.83 -29.12 -21.64
N GLY B 231 3.55 -29.41 -21.84
CA GLY B 231 2.80 -30.24 -20.92
C GLY B 231 2.66 -29.65 -19.54
N LEU B 232 2.41 -28.34 -19.44
CA LEU B 232 2.25 -27.67 -18.16
C LEU B 232 0.77 -27.52 -17.84
N LYS B 233 0.36 -28.04 -16.69
CA LYS B 233 -1.02 -27.91 -16.22
C LYS B 233 -1.11 -26.75 -15.24
N ALA B 234 -2.12 -25.91 -15.41
CA ALA B 234 -2.33 -24.75 -14.55
C ALA B 234 -3.69 -24.87 -13.86
N GLU B 235 -3.68 -24.74 -12.54
CA GLU B 235 -4.89 -24.74 -11.73
C GLU B 235 -5.15 -23.32 -11.23
N VAL B 236 -6.36 -22.83 -11.46
CA VAL B 236 -6.78 -21.51 -11.02
C VAL B 236 -8.03 -21.69 -10.17
N ILE B 237 -7.88 -21.52 -8.85
CA ILE B 237 -8.98 -21.67 -7.91
C ILE B 237 -9.42 -20.29 -7.45
N TYR B 238 -10.73 -20.04 -7.52
CA TYR B 238 -11.31 -18.78 -7.04
C TYR B 238 -12.52 -19.11 -6.19
N GLY B 239 -12.44 -18.79 -4.90
CA GLY B 239 -13.56 -18.99 -4.00
C GLY B 239 -13.70 -17.87 -3.00
N LYS B 240 -14.94 -17.52 -2.65
CA LYS B 240 -15.18 -16.48 -1.66
C LYS B 240 -16.60 -16.63 -1.15
N GLY B 241 -16.81 -16.34 0.12
CA GLY B 241 -18.16 -16.25 0.64
C GLY B 241 -18.29 -16.95 1.98
N GLU B 242 -19.54 -17.31 2.30
CA GLU B 242 -19.90 -17.73 3.65
C GLU B 242 -19.40 -19.12 4.00
N VAL B 243 -19.09 -19.96 3.01
CA VAL B 243 -18.78 -21.36 3.28
C VAL B 243 -17.29 -21.63 3.45
N PHE B 244 -16.44 -20.63 3.26
CA PHE B 244 -15.00 -20.80 3.37
C PHE B 244 -14.53 -20.37 4.74
N HIS B 245 -13.79 -21.26 5.42
CA HIS B 245 -13.29 -21.02 6.76
C HIS B 245 -11.79 -20.84 6.83
N GLN B 246 -11.07 -21.13 5.75
CA GLN B 246 -9.62 -20.97 5.69
C GLN B 246 -9.26 -20.20 4.44
N ASN B 247 -8.72 -18.99 4.63
CA ASN B 247 -8.31 -18.17 3.50
C ASN B 247 -6.94 -18.63 2.97
N GLU B 248 -6.68 -18.29 1.71
CA GLU B 248 -5.34 -18.46 1.17
C GLU B 248 -5.20 -17.61 -0.09
N ARG B 249 -3.95 -17.22 -0.35
CA ARG B 249 -3.56 -16.54 -1.59
C ARG B 249 -2.17 -17.11 -1.91
N ILE B 250 -2.14 -18.15 -2.71
CA ILE B 250 -0.95 -18.98 -2.88
C ILE B 250 -0.66 -19.11 -4.37
N PHE B 251 0.53 -18.69 -4.79
CA PHE B 251 1.00 -18.85 -6.16
C PHE B 251 2.21 -19.78 -6.13
N THR B 252 2.09 -20.94 -6.78
CA THR B 252 3.13 -21.95 -6.79
C THR B 252 3.51 -22.30 -8.22
N LEU B 253 4.81 -22.41 -8.48
CA LEU B 253 5.32 -22.88 -9.75
C LEU B 253 6.42 -23.91 -9.49
N HIS B 254 6.37 -25.02 -10.21
CA HIS B 254 7.37 -26.07 -10.11
C HIS B 254 8.07 -26.19 -11.45
N GLY B 255 9.39 -26.03 -11.45
CA GLY B 255 10.21 -26.20 -12.64
C GLY B 255 11.28 -27.24 -12.42
N ASP B 256 11.90 -27.65 -13.54
CA ASP B 256 13.00 -28.62 -13.54
C ASP B 256 14.02 -28.28 -12.47
N ARG B 257 14.32 -27.00 -12.31
CA ARG B 257 15.45 -26.56 -11.51
C ARG B 257 15.07 -25.65 -10.35
N GLY B 258 13.79 -25.54 -10.02
CA GLY B 258 13.43 -24.71 -8.87
C GLY B 258 11.92 -24.60 -8.71
N THR B 259 11.54 -23.98 -7.59
CA THR B 259 10.15 -23.77 -7.22
C THR B 259 9.96 -22.36 -6.69
N LEU B 260 8.93 -21.67 -7.17
CA LEU B 260 8.54 -20.36 -6.68
C LEU B 260 7.20 -20.48 -5.95
N ILE B 261 7.18 -20.11 -4.67
CA ILE B 261 5.95 -20.08 -3.89
C ILE B 261 5.75 -18.66 -3.37
N PHE B 262 4.57 -18.11 -3.61
CA PHE B 262 4.22 -16.78 -3.13
C PHE B 262 2.97 -16.87 -2.26
N VAL B 263 3.18 -16.91 -0.95
CA VAL B 263 2.09 -16.94 0.02
C VAL B 263 1.79 -15.49 0.37
N GLY B 264 0.70 -14.96 -0.20
CA GLY B 264 0.40 -13.55 -0.01
C GLY B 264 1.44 -12.69 -0.69
N GLU B 265 1.83 -11.60 -0.01
CA GLU B 265 2.82 -10.67 -0.52
C GLU B 265 4.25 -11.05 -0.13
N THR B 266 4.51 -12.32 0.10
CA THR B 266 5.86 -12.82 0.36
C THR B 266 6.18 -13.92 -0.64
N GLY B 267 7.48 -14.18 -0.84
CA GLY B 267 7.89 -15.17 -1.80
C GLY B 267 9.16 -15.87 -1.37
N ARG B 268 9.37 -17.06 -1.95
CA ARG B 268 10.56 -17.86 -1.70
C ARG B 268 11.00 -18.52 -2.98
N LEU B 269 12.31 -18.61 -3.17
CA LEU B 269 12.92 -19.41 -4.21
C LEU B 269 13.55 -20.64 -3.57
N ILE B 270 13.22 -21.82 -4.09
CA ILE B 270 13.71 -23.08 -3.56
C ILE B 270 14.46 -23.81 -4.66
N GLN B 271 15.74 -24.04 -4.46
CA GLN B 271 16.59 -24.71 -5.44
C GLN B 271 17.44 -25.68 -4.67
N GLY B 272 17.27 -26.94 -4.93
CA GLY B 272 17.98 -27.95 -4.18
C GLY B 272 17.74 -27.73 -2.70
N GLN B 273 18.81 -27.40 -1.98
CA GLN B 273 18.74 -27.08 -0.56
C GLN B 273 18.92 -25.58 -0.30
N THR B 274 18.81 -24.75 -1.32
CA THR B 274 19.02 -23.31 -1.21
C THR B 274 17.66 -22.62 -1.15
N GLU B 275 17.24 -22.23 0.04
CA GLU B 275 16.02 -21.44 0.20
C GLU B 275 16.37 -19.96 0.20
N THR B 276 15.50 -19.16 -0.41
CA THR B 276 15.81 -17.75 -0.66
C THR B 276 14.54 -16.93 -0.53
N GLU B 277 14.54 -15.98 0.41
CA GLU B 277 13.43 -15.04 0.50
C GLU B 277 13.44 -14.10 -0.70
N ILE B 278 12.26 -13.84 -1.24
CA ILE B 278 12.10 -12.94 -2.39
C ILE B 278 11.28 -11.74 -1.94
N THR B 279 11.77 -10.55 -2.27
CA THR B 279 11.08 -9.31 -1.91
C THR B 279 10.00 -9.00 -2.94
N VAL B 280 8.78 -8.79 -2.48
CA VAL B 280 7.64 -8.46 -3.33
C VAL B 280 7.48 -6.95 -3.33
N GLY B 281 7.38 -6.36 -4.52
CA GLY B 281 7.19 -4.93 -4.61
C GLY B 281 5.90 -4.48 -3.97
N SER B 282 5.93 -3.27 -3.41
CA SER B 282 4.72 -2.66 -2.87
C SER B 282 3.69 -2.49 -3.97
N ARG B 283 2.42 -2.39 -3.56
CA ARG B 283 1.33 -2.19 -4.49
C ARG B 283 0.70 -0.81 -4.38
N ARG B 284 1.16 0.04 -3.47
CA ARG B 284 0.56 1.35 -3.27
C ARG B 284 0.64 2.22 -4.51
N GLY B 285 1.53 1.91 -5.45
CA GLY B 285 1.78 2.82 -6.54
C GLY B 285 1.31 2.39 -7.93
N LEU B 286 0.94 1.12 -8.11
CA LEU B 286 0.65 0.62 -9.46
C LEU B 286 -0.49 1.37 -10.12
N PHE B 287 -1.49 1.83 -9.36
CA PHE B 287 -2.57 2.57 -9.98
C PHE B 287 -2.12 3.93 -10.52
N ARG B 288 -1.00 4.46 -10.02
CA ARG B 288 -0.46 5.68 -10.59
C ARG B 288 0.40 5.40 -11.82
N GLN B 289 1.22 4.34 -11.78
CA GLN B 289 2.05 4.01 -12.93
C GLN B 289 1.21 3.77 -14.18
N ASP B 290 0.07 3.09 -14.02
CA ASP B 290 -0.83 2.93 -15.16
C ASP B 290 -1.40 4.27 -15.60
N THR B 291 -1.72 5.14 -14.64
CA THR B 291 -2.25 6.45 -15.00
C THR B 291 -1.18 7.35 -15.59
N GLU B 292 0.06 7.26 -15.10
CA GLU B 292 1.14 7.99 -15.76
C GLU B 292 1.46 7.37 -17.11
N ALA B 293 1.20 6.07 -17.27
CA ALA B 293 1.38 5.42 -18.57
C ALA B 293 0.37 5.93 -19.59
N VAL B 294 -0.89 6.13 -19.17
CA VAL B 294 -1.89 6.63 -20.11
C VAL B 294 -1.61 8.08 -20.46
N LEU B 295 -1.00 8.84 -19.53
CA LEU B 295 -0.65 10.21 -19.84
C LEU B 295 0.61 10.29 -20.69
N ASP B 296 1.58 9.41 -20.44
CA ASP B 296 2.77 9.36 -21.29
C ASP B 296 2.41 9.00 -22.72
N TYR B 297 1.48 8.07 -22.91
CA TYR B 297 1.11 7.64 -24.25
C TYR B 297 0.28 8.69 -24.98
N LEU B 298 -0.56 9.44 -24.25
CA LEU B 298 -1.42 10.42 -24.91
C LEU B 298 -0.66 11.67 -25.31
N THR B 299 0.42 12.01 -24.60
CA THR B 299 1.19 13.21 -24.89
C THR B 299 2.42 12.97 -25.75
N THR B 300 2.97 11.74 -25.74
CA THR B 300 4.22 11.43 -26.41
C THR B 300 4.14 10.19 -27.30
N GLY B 301 3.12 9.35 -27.15
CA GLY B 301 3.00 8.16 -27.98
C GLY B 301 3.77 6.95 -27.47
N LYS B 302 4.51 7.10 -26.39
CA LYS B 302 5.25 6.02 -25.77
C LYS B 302 4.33 4.82 -25.49
N PRO B 303 4.63 3.63 -26.04
CA PRO B 303 3.71 2.49 -25.88
C PRO B 303 3.50 2.07 -24.44
N LEU B 304 2.62 1.09 -24.23
CA LEU B 304 2.13 0.76 -22.90
C LEU B 304 2.56 -0.64 -22.48
N TYR B 305 2.61 -0.85 -21.16
CA TYR B 305 3.15 -2.08 -20.61
C TYR B 305 2.35 -3.30 -21.02
N VAL B 306 1.04 -3.14 -21.26
CA VAL B 306 0.20 -4.22 -21.74
C VAL B 306 -0.47 -3.77 -23.03
N ASP B 307 -0.42 -4.62 -24.04
CA ASP B 307 -1.19 -4.41 -25.25
C ASP B 307 -2.59 -4.99 -25.08
N LEU B 308 -3.56 -4.36 -25.73
CA LEU B 308 -4.96 -4.71 -25.50
C LEU B 308 -5.26 -6.16 -25.86
N GLU B 309 -4.54 -6.71 -26.83
CA GLU B 309 -4.78 -8.11 -27.20
C GLU B 309 -4.36 -9.06 -26.09
N ALA B 310 -3.37 -8.67 -25.28
CA ALA B 310 -3.05 -9.45 -24.10
C ALA B 310 -4.23 -9.49 -23.14
N SER B 311 -4.86 -8.34 -22.92
CA SER B 311 -6.07 -8.28 -22.10
C SER B 311 -7.19 -9.08 -22.73
N LEU B 312 -7.31 -9.03 -24.06
CA LEU B 312 -8.44 -9.68 -24.72
C LEU B 312 -8.25 -11.19 -24.81
N TYR B 313 -7.02 -11.68 -24.89
CA TYR B 313 -6.84 -13.13 -24.88
C TYR B 313 -7.22 -13.71 -23.52
N ALA B 314 -6.92 -12.98 -22.43
CA ALA B 314 -7.40 -13.40 -21.13
C ALA B 314 -8.92 -13.43 -21.08
N LEU B 315 -9.57 -12.45 -21.72
CA LEU B 315 -11.02 -12.43 -21.79
C LEU B 315 -11.55 -13.64 -22.55
N GLU B 316 -10.83 -14.08 -23.58
CA GLU B 316 -11.28 -15.25 -24.34
C GLU B 316 -11.15 -16.53 -23.52
N VAL B 317 -10.03 -16.70 -22.82
CA VAL B 317 -9.83 -17.89 -21.99
C VAL B 317 -10.85 -17.92 -20.86
N ALA B 318 -11.19 -16.75 -20.30
CA ALA B 318 -12.20 -16.70 -19.26
C ALA B 318 -13.58 -16.98 -19.83
N ASP B 319 -13.84 -16.52 -21.06
CA ASP B 319 -15.13 -16.78 -21.68
C ASP B 319 -15.30 -18.26 -22.01
N LEU B 320 -14.22 -18.92 -22.44
CA LEU B 320 -14.29 -20.36 -22.67
C LEU B 320 -14.47 -21.12 -21.38
N CYS B 321 -13.87 -20.63 -20.28
CA CYS B 321 -14.13 -21.21 -18.98
C CYS B 321 -15.61 -21.10 -18.61
N ALA B 322 -16.24 -19.98 -18.98
CA ALA B 322 -17.67 -19.82 -18.71
C ALA B 322 -18.48 -20.83 -19.50
N GLN B 323 -18.07 -21.14 -20.74
CA GLN B 323 -18.78 -22.12 -21.54
C GLN B 323 -18.64 -23.52 -20.97
N ALA B 324 -17.43 -23.87 -20.51
CA ALA B 324 -17.22 -25.15 -19.85
C ALA B 324 -18.06 -25.29 -18.59
N CYS B 325 -18.69 -24.21 -18.13
CA CYS B 325 -19.67 -24.26 -17.04
C CYS B 325 -21.08 -24.00 -17.55
N GLY B 326 -21.29 -24.01 -18.86
CA GLY B 326 -22.57 -23.64 -19.41
C GLY B 326 -22.78 -22.15 -19.37
N TYR B 327 -23.09 -21.64 -18.17
CA TYR B 327 -23.23 -20.22 -17.85
C TYR B 327 -23.70 -19.34 -19.01
#